data_4I8Y
#
_entry.id   4I8Y
#
_cell.length_a   85.555
_cell.length_b   57.775
_cell.length_c   61.379
_cell.angle_alpha   90.00
_cell.angle_beta   90.00
_cell.angle_gamma   90.00
#
_symmetry.space_group_name_H-M   'P 21 21 21'
#
loop_
_entity.id
_entity.type
_entity.pdbx_description
1 polymer '1-phosphatidylinositol phosphodiesterase'
2 non-polymer 'CHLORIDE ION'
3 non-polymer 'ACETATE ION'
4 water water
#
_entity_poly.entity_id   1
_entity_poly.type   'polypeptide(L)'
_entity_poly.pdbx_seq_one_letter_code
;SDSLSKSPENWMSKLDDGKHLTEINIPGSHDSGSFTLKDPVKSVWAKTQDKDYLTQMKSGVRFFDIRGRASADNMISVHH
GMVYLHHELGKFLDDAKYYLSAYPNETIVMSMKKDYDSDSKVTKTFEEIFREYYYNNPQYQNLFYTGSNANPTLKETKGK
IVLFNRMGGTYIKSGYGADTSGIQWADNATFETKINNGSLNLKVQDEYKDYYDKKVEAVKNLLAKAKTDSNKDNVYVNFL
SVASGGSAFNSTYYYASYINPEIAKTIKANGKARTGWLIVDYAGYTWPGYDDIVSEIIDSNKLE
;
_entity_poly.pdbx_strand_id   A
#
loop_
_chem_comp.id
_chem_comp.type
_chem_comp.name
_chem_comp.formula
ACT non-polymer 'ACETATE ION' 'C2 H3 O2 -1'
CL non-polymer 'CHLORIDE ION' 'Cl -1'
#
# COMPACT_ATOMS: atom_id res chain seq x y z
N ASP A 2 -25.91 2.68 -7.35
CA ASP A 2 -25.17 2.40 -6.07
C ASP A 2 -23.79 3.11 -5.97
N SER A 3 -23.54 3.81 -4.86
CA SER A 3 -22.21 4.39 -4.64
C SER A 3 -21.07 3.32 -4.79
N LEU A 4 -19.85 3.77 -5.08
CA LEU A 4 -18.79 2.85 -5.48
C LEU A 4 -18.44 1.85 -4.43
N SER A 5 -18.58 2.22 -3.15
CA SER A 5 -18.19 1.32 -2.06
C SER A 5 -19.12 0.15 -1.86
N LYS A 6 -20.29 0.16 -2.47
CA LYS A 6 -21.16 -1.01 -2.34
C LYS A 6 -20.69 -2.15 -3.24
N SER A 7 -19.78 -1.91 -4.18
CA SER A 7 -19.17 -3.08 -4.83
C SER A 7 -17.67 -2.91 -4.79
N PRO A 8 -17.09 -3.19 -3.63
CA PRO A 8 -15.68 -2.86 -3.45
C PRO A 8 -14.80 -3.83 -4.27
N GLU A 9 -15.38 -4.95 -4.70
CA GLU A 9 -14.54 -5.93 -5.40
C GLU A 9 -14.10 -5.46 -6.82
N ASN A 10 -14.75 -4.45 -7.39
CA ASN A 10 -14.44 -4.03 -8.75
C ASN A 10 -14.69 -2.53 -8.89
N TRP A 11 -14.47 -1.76 -7.82
CA TRP A 11 -14.65 -0.33 -7.91
C TRP A 11 -13.80 0.39 -8.96
N MET A 12 -12.57 -0.06 -9.24
CA MET A 12 -11.78 0.59 -10.31
C MET A 12 -12.34 0.45 -11.70
N SER A 13 -13.06 -0.66 -11.95
CA SER A 13 -13.76 -0.87 -13.22
C SER A 13 -14.78 0.22 -13.48
N LYS A 14 -15.27 0.86 -12.43
CA LYS A 14 -16.28 1.90 -12.55
C LYS A 14 -15.68 3.27 -12.83
N LEU A 15 -14.36 3.39 -12.79
CA LEU A 15 -13.77 4.73 -13.04
C LEU A 15 -13.38 4.92 -14.50
N ASP A 16 -13.05 6.15 -14.84
CA ASP A 16 -12.44 6.46 -16.13
C ASP A 16 -10.96 6.00 -16.19
N ASP A 17 -10.66 5.03 -17.05
CA ASP A 17 -9.33 4.43 -17.07
C ASP A 17 -8.24 5.34 -17.70
N GLY A 18 -8.67 6.52 -18.13
CA GLY A 18 -7.81 7.62 -18.61
C GLY A 18 -7.10 8.35 -17.45
N LYS A 19 -7.56 8.18 -16.23
CA LYS A 19 -6.83 8.73 -15.06
C LYS A 19 -5.46 8.12 -14.76
N HIS A 20 -4.54 8.95 -14.29
CA HIS A 20 -3.28 8.40 -13.77
C HIS A 20 -3.57 7.81 -12.42
N LEU A 21 -2.95 6.67 -12.09
CA LEU A 21 -3.17 6.04 -10.77
C LEU A 21 -2.94 7.04 -9.65
N THR A 22 -1.98 7.95 -9.83
CA THR A 22 -1.73 9.00 -8.79
C THR A 22 -2.98 9.81 -8.46
N GLU A 23 -3.92 9.91 -9.40
CA GLU A 23 -5.08 10.82 -9.20
C GLU A 23 -6.20 10.04 -8.58
N ILE A 24 -6.10 8.71 -8.60
CA ILE A 24 -7.10 7.87 -8.00
C ILE A 24 -6.94 7.84 -6.46
N ASN A 25 -8.04 7.80 -5.72
CA ASN A 25 -7.96 7.69 -4.26
C ASN A 25 -7.99 6.22 -3.94
N ILE A 26 -6.86 5.71 -3.45
CA ILE A 26 -6.68 4.28 -3.35
C ILE A 26 -6.51 3.89 -1.87
N PRO A 27 -7.29 2.91 -1.42
CA PRO A 27 -7.02 2.37 -0.08
C PRO A 27 -5.90 1.29 -0.09
N GLY A 28 -5.04 1.33 0.95
CA GLY A 28 -3.92 0.42 1.10
C GLY A 28 -4.00 -0.25 2.45
N SER A 29 -3.31 -1.37 2.62
CA SER A 29 -3.24 -2.05 3.89
C SER A 29 -1.74 -2.09 4.32
N HIS A 30 -1.50 -1.65 5.55
CA HIS A 30 -0.16 -1.50 6.09
C HIS A 30 0.26 -2.87 6.57
N ASP A 31 1.45 -3.28 6.17
CA ASP A 31 1.90 -4.68 6.41
C ASP A 31 0.82 -5.71 6.08
N SER A 32 0.38 -5.67 4.81
CA SER A 32 -0.71 -6.45 4.28
C SER A 32 -0.74 -7.91 4.74
N GLY A 33 0.42 -8.54 4.75
CA GLY A 33 0.47 -9.98 5.02
C GLY A 33 0.38 -10.45 6.48
N SER A 34 0.17 -9.56 7.43
CA SER A 34 0.21 -9.95 8.88
C SER A 34 -1.09 -10.58 9.36
N PHE A 35 -2.04 -10.83 8.45
CA PHE A 35 -3.26 -11.52 8.86
C PHE A 35 -2.98 -12.92 9.36
N THR A 36 -1.82 -13.51 9.03
CA THR A 36 -1.46 -14.86 9.50
C THR A 36 -1.13 -14.90 11.04
N LEU A 37 -0.91 -13.78 11.70
CA LEU A 37 -0.46 -13.86 13.11
C LEU A 37 -1.61 -14.22 14.08
N LYS A 38 -1.32 -15.19 14.96
CA LYS A 38 -2.30 -15.69 15.92
C LYS A 38 -1.80 -15.56 17.37
N ASP A 39 -0.48 -15.49 17.54
CA ASP A 39 0.11 -15.26 18.86
C ASP A 39 -0.40 -13.91 19.41
N PRO A 40 -1.12 -13.94 20.54
CA PRO A 40 -1.83 -12.78 21.08
C PRO A 40 -0.87 -11.73 21.65
N VAL A 41 0.23 -12.19 22.25
CA VAL A 41 1.22 -11.24 22.78
C VAL A 41 1.94 -10.54 21.60
N LYS A 42 2.41 -11.34 20.67
CA LYS A 42 3.14 -10.84 19.52
C LYS A 42 2.24 -9.99 18.59
N SER A 43 0.97 -10.35 18.47
CA SER A 43 0.01 -9.63 17.63
C SER A 43 -0.29 -8.21 18.06
N VAL A 44 -0.17 -7.92 19.36
CA VAL A 44 -0.34 -6.56 19.89
C VAL A 44 0.45 -5.51 19.06
N TRP A 45 1.67 -5.85 18.63
CA TRP A 45 2.57 -4.92 17.99
C TRP A 45 2.94 -5.32 16.59
N ALA A 46 2.85 -6.62 16.27
CA ALA A 46 3.28 -7.09 14.94
C ALA A 46 2.13 -7.39 13.98
N LYS A 47 0.93 -7.58 14.51
CA LYS A 47 -0.25 -7.80 13.72
C LYS A 47 -0.92 -6.46 13.36
N THR A 48 -1.16 -6.24 12.07
CA THR A 48 -1.78 -5.02 11.53
C THR A 48 -3.02 -5.26 10.61
N GLN A 49 -3.37 -6.53 10.41
CA GLN A 49 -4.52 -6.87 9.55
C GLN A 49 -5.14 -8.14 10.06
N ASP A 50 -6.43 -8.37 9.77
CA ASP A 50 -6.95 -9.73 10.03
C ASP A 50 -7.60 -10.44 8.82
N LYS A 51 -7.70 -9.74 7.70
CA LYS A 51 -8.24 -10.33 6.48
C LYS A 51 -7.12 -10.80 5.56
N ASP A 52 -7.24 -12.01 5.00
CA ASP A 52 -6.24 -12.43 4.01
C ASP A 52 -6.18 -11.55 2.73
N TYR A 53 -5.18 -11.78 1.87
CA TYR A 53 -4.98 -10.95 0.68
C TYR A 53 -6.26 -10.86 -0.16
N LEU A 54 -6.84 -12.03 -0.43
CA LEU A 54 -8.01 -12.11 -1.35
C LEU A 54 -9.21 -11.38 -0.75
N THR A 55 -9.36 -11.46 0.56
CA THR A 55 -10.49 -10.74 1.23
C THR A 55 -10.30 -9.26 1.28
N GLN A 56 -9.03 -8.86 1.51
CA GLN A 56 -8.70 -7.45 1.43
C GLN A 56 -9.01 -6.90 0.03
N MET A 57 -8.64 -7.62 -1.03
CA MET A 57 -8.85 -7.24 -2.42
C MET A 57 -10.36 -7.16 -2.68
N LYS A 58 -11.08 -8.19 -2.27
CA LYS A 58 -12.54 -8.16 -2.28
C LYS A 58 -13.16 -6.98 -1.54
N SER A 59 -12.57 -6.53 -0.42
CA SER A 59 -13.11 -5.34 0.26
C SER A 59 -12.57 -4.06 -0.31
N GLY A 60 -11.87 -4.14 -1.43
CA GLY A 60 -11.54 -2.97 -2.17
C GLY A 60 -10.11 -2.45 -2.01
N VAL A 61 -9.24 -3.17 -1.30
CA VAL A 61 -7.82 -2.67 -1.12
C VAL A 61 -7.07 -2.86 -2.41
N ARG A 62 -6.28 -1.87 -2.86
CA ARG A 62 -5.57 -1.94 -4.13
C ARG A 62 -4.06 -1.66 -3.94
N PHE A 63 -3.71 -1.03 -2.82
CA PHE A 63 -2.27 -0.76 -2.49
C PHE A 63 -1.90 -1.75 -1.40
N PHE A 64 -0.96 -2.62 -1.69
CA PHE A 64 -0.44 -3.60 -0.73
C PHE A 64 1.01 -3.28 -0.37
N ASP A 65 1.24 -3.22 0.94
CA ASP A 65 2.56 -2.90 1.57
C ASP A 65 3.22 -4.21 1.98
N ILE A 66 4.11 -4.72 1.13
CA ILE A 66 4.78 -5.96 1.42
C ILE A 66 6.21 -5.58 1.85
N ARG A 67 6.62 -6.01 3.05
CA ARG A 67 7.99 -5.85 3.51
C ARG A 67 8.50 -7.26 3.76
N GLY A 68 9.76 -7.52 3.41
CA GLY A 68 10.16 -8.90 3.38
C GLY A 68 11.55 -9.13 3.88
N ARG A 69 11.94 -10.39 3.89
CA ARG A 69 13.32 -10.70 4.20
C ARG A 69 13.86 -11.72 3.19
N ALA A 70 15.05 -11.51 2.65
CA ALA A 70 15.68 -12.52 1.81
C ALA A 70 15.97 -13.78 2.64
N SER A 71 15.20 -14.84 2.48
CA SER A 71 15.44 -16.09 3.24
C SER A 71 16.23 -17.17 2.47
N ALA A 72 16.41 -17.01 1.17
CA ALA A 72 17.29 -17.90 0.36
C ALA A 72 17.58 -17.04 -0.86
N ASP A 73 18.63 -17.36 -1.61
CA ASP A 73 18.95 -16.63 -2.85
C ASP A 73 17.80 -16.54 -3.89
N ASN A 74 16.74 -17.30 -3.70
CA ASN A 74 15.67 -17.31 -4.64
C ASN A 74 14.34 -17.07 -3.96
N MET A 75 14.40 -16.58 -2.72
CA MET A 75 13.21 -16.53 -1.91
C MET A 75 13.09 -15.30 -1.01
N ILE A 76 11.93 -14.67 -1.04
CA ILE A 76 11.65 -13.56 -0.14
C ILE A 76 10.47 -13.97 0.75
N SER A 77 10.68 -13.83 2.06
CA SER A 77 9.64 -14.13 3.06
C SER A 77 8.97 -12.82 3.46
N VAL A 78 7.68 -12.83 3.72
CA VAL A 78 6.96 -11.65 4.14
C VAL A 78 7.14 -11.52 5.65
N HIS A 79 7.39 -10.31 6.13
CA HIS A 79 7.79 -10.05 7.50
C HIS A 79 7.23 -8.77 8.00
N HIS A 80 7.04 -8.68 9.33
CA HIS A 80 6.91 -7.41 10.07
C HIS A 80 8.20 -7.21 10.85
N GLY A 81 9.20 -6.55 10.26
CA GLY A 81 10.52 -6.45 10.88
C GLY A 81 11.08 -7.84 11.07
N MET A 82 11.34 -8.24 12.33
CA MET A 82 11.95 -9.56 12.59
C MET A 82 10.90 -10.68 12.52
N VAL A 83 9.64 -10.34 12.64
CA VAL A 83 8.58 -11.34 12.67
C VAL A 83 8.24 -11.84 11.28
N TYR A 84 8.36 -13.15 11.12
CA TYR A 84 8.05 -13.87 9.92
C TYR A 84 6.55 -14.08 9.87
N LEU A 85 5.96 -13.78 8.70
CA LEU A 85 4.48 -13.83 8.57
C LEU A 85 3.97 -15.12 7.89
N HIS A 86 4.82 -16.13 7.90
CA HIS A 86 4.42 -17.52 7.63
C HIS A 86 4.16 -17.83 6.20
N HIS A 87 4.62 -16.96 5.30
CA HIS A 87 4.51 -17.29 3.86
C HIS A 87 5.51 -16.46 3.10
N GLU A 88 5.74 -16.85 1.86
CA GLU A 88 6.72 -16.25 1.00
C GLU A 88 6.01 -15.33 0.01
N LEU A 89 6.79 -14.53 -0.72
CA LEU A 89 6.18 -13.55 -1.61
C LEU A 89 5.32 -14.20 -2.76
N GLY A 90 5.74 -15.37 -3.24
CA GLY A 90 4.98 -16.14 -4.22
C GLY A 90 3.52 -16.22 -3.86
N LYS A 91 3.21 -16.37 -2.59
CA LYS A 91 1.87 -16.44 -2.14
C LYS A 91 1.04 -15.19 -2.42
N PHE A 92 1.60 -14.03 -2.13
CA PHE A 92 0.90 -12.81 -2.46
C PHE A 92 0.76 -12.59 -3.97
N LEU A 93 1.80 -12.93 -4.72
CA LEU A 93 1.77 -12.86 -6.16
C LEU A 93 0.69 -13.76 -6.79
N ASP A 94 0.58 -15.01 -6.34
CA ASP A 94 -0.49 -15.88 -6.85
C ASP A 94 -1.90 -15.37 -6.52
N ASP A 95 -2.08 -14.93 -5.30
CA ASP A 95 -3.39 -14.42 -4.90
C ASP A 95 -3.74 -13.21 -5.75
N ALA A 96 -2.78 -12.32 -5.95
CA ALA A 96 -3.00 -11.12 -6.74
C ALA A 96 -3.38 -11.47 -8.21
N LYS A 97 -2.61 -12.40 -8.79
CA LYS A 97 -2.82 -12.85 -10.14
C LYS A 97 -4.25 -13.40 -10.32
N TYR A 98 -4.60 -14.29 -9.42
CA TYR A 98 -5.97 -14.81 -9.32
C TYR A 98 -6.96 -13.68 -9.24
N TYR A 99 -6.75 -12.75 -8.31
CA TYR A 99 -7.73 -11.70 -8.17
C TYR A 99 -7.84 -10.93 -9.47
N LEU A 100 -6.70 -10.58 -10.05
CA LEU A 100 -6.66 -9.71 -11.23
C LEU A 100 -7.25 -10.40 -12.52
N SER A 101 -7.07 -11.70 -12.59
CA SER A 101 -7.77 -12.57 -13.55
C SER A 101 -9.29 -12.46 -13.42
N ALA A 102 -9.79 -12.51 -12.19
CA ALA A 102 -11.23 -12.46 -11.93
C ALA A 102 -11.80 -11.02 -12.09
N TYR A 103 -10.98 -10.02 -11.82
CA TYR A 103 -11.43 -8.64 -11.94
C TYR A 103 -10.36 -7.90 -12.73
N PRO A 104 -10.48 -7.96 -14.09
CA PRO A 104 -9.37 -7.64 -14.99
C PRO A 104 -9.27 -6.15 -15.16
N ASN A 105 -10.24 -5.39 -14.65
CA ASN A 105 -10.14 -3.92 -14.76
C ASN A 105 -9.72 -3.17 -13.52
N GLU A 106 -9.20 -3.92 -12.55
CA GLU A 106 -8.53 -3.34 -11.38
C GLU A 106 -7.02 -3.40 -11.58
N THR A 107 -6.29 -2.46 -10.96
CA THR A 107 -4.87 -2.53 -10.85
C THR A 107 -4.47 -2.69 -9.35
N ILE A 108 -3.36 -3.40 -9.14
CA ILE A 108 -2.82 -3.50 -7.81
C ILE A 108 -1.49 -2.74 -7.82
N VAL A 109 -1.29 -1.92 -6.79
CA VAL A 109 0.04 -1.34 -6.54
C VAL A 109 0.72 -2.11 -5.38
N MET A 110 1.89 -2.66 -5.65
CA MET A 110 2.58 -3.50 -4.66
C MET A 110 3.87 -2.78 -4.19
N SER A 111 3.87 -2.34 -2.94
CA SER A 111 5.10 -1.72 -2.35
C SER A 111 6.01 -2.86 -1.92
N MET A 112 7.30 -2.80 -2.31
CA MET A 112 8.28 -3.80 -1.91
C MET A 112 9.46 -3.17 -1.10
N LYS A 113 9.64 -3.61 0.15
CA LYS A 113 10.63 -3.05 1.07
C LYS A 113 11.35 -4.23 1.75
N LYS A 114 12.65 -4.07 2.02
CA LYS A 114 13.40 -5.02 2.90
C LYS A 114 13.21 -4.60 4.35
N ASP A 115 12.71 -5.49 5.21
CA ASP A 115 12.38 -5.18 6.60
C ASP A 115 13.34 -5.87 7.58
N TYR A 116 14.20 -6.76 7.10
CA TYR A 116 15.01 -7.45 8.04
C TYR A 116 16.18 -8.10 7.35
N ASP A 117 17.28 -8.25 8.09
CA ASP A 117 18.53 -8.82 7.53
C ASP A 117 18.34 -10.14 6.85
N SER A 118 19.04 -10.36 5.72
CA SER A 118 18.94 -11.64 4.99
C SER A 118 19.42 -12.86 5.82
N ASP A 119 18.90 -14.05 5.54
CA ASP A 119 19.46 -15.29 6.09
C ASP A 119 20.95 -15.33 5.76
N SER A 120 21.73 -15.83 6.72
CA SER A 120 23.21 -15.86 6.58
C SER A 120 23.70 -16.63 5.30
N LYS A 121 22.89 -17.55 4.80
CA LYS A 121 23.19 -18.30 3.55
C LYS A 121 22.98 -17.54 2.24
N VAL A 122 22.38 -16.36 2.33
CA VAL A 122 22.01 -15.59 1.13
C VAL A 122 23.27 -14.92 0.60
N THR A 123 23.55 -14.99 -0.71
CA THR A 123 24.79 -14.38 -1.23
C THR A 123 24.47 -13.19 -2.12
N LYS A 124 23.19 -12.89 -2.29
CA LYS A 124 22.73 -11.86 -3.24
C LYS A 124 21.99 -10.75 -2.51
N THR A 125 21.94 -9.56 -3.08
CA THR A 125 21.13 -8.49 -2.47
C THR A 125 19.62 -8.78 -2.57
N PHE A 126 18.85 -8.16 -1.67
CA PHE A 126 17.39 -8.30 -1.67
C PHE A 126 16.88 -7.78 -3.03
N GLU A 127 17.38 -6.62 -3.47
CA GLU A 127 16.92 -6.10 -4.76
C GLU A 127 17.12 -7.09 -5.93
N GLU A 128 18.30 -7.72 -5.96
CA GLU A 128 18.70 -8.66 -6.99
C GLU A 128 17.80 -9.92 -6.98
N ILE A 129 17.51 -10.41 -5.78
CA ILE A 129 16.61 -11.53 -5.61
C ILE A 129 15.19 -11.19 -6.04
N PHE A 130 14.70 -10.04 -5.64
CA PHE A 130 13.41 -9.59 -6.16
C PHE A 130 13.42 -9.50 -7.70
N ARG A 131 14.43 -8.83 -8.23
CA ARG A 131 14.47 -8.59 -9.67
C ARG A 131 14.54 -9.93 -10.44
N GLU A 132 15.49 -10.79 -10.08
CA GLU A 132 15.70 -12.02 -10.84
C GLU A 132 14.70 -13.13 -10.54
N TYR A 133 14.27 -13.32 -9.30
CA TYR A 133 13.45 -14.48 -8.95
C TYR A 133 11.97 -14.17 -8.83
N TYR A 134 11.64 -12.90 -8.92
CA TYR A 134 10.25 -12.54 -8.95
C TYR A 134 9.89 -11.73 -10.19
N TYR A 135 10.38 -10.50 -10.25
CA TYR A 135 9.99 -9.58 -11.30
C TYR A 135 10.21 -10.15 -12.69
N ASN A 136 11.38 -10.79 -12.90
CA ASN A 136 11.76 -11.38 -14.17
C ASN A 136 11.56 -12.89 -14.23
N ASN A 137 11.06 -13.49 -13.17
CA ASN A 137 10.73 -14.90 -13.17
C ASN A 137 9.64 -15.19 -14.21
N PRO A 138 9.89 -16.15 -15.15
CA PRO A 138 8.91 -16.44 -16.21
C PRO A 138 7.61 -16.95 -15.61
N GLN A 139 7.71 -17.54 -14.44
CA GLN A 139 6.48 -17.85 -13.74
C GLN A 139 5.51 -16.69 -13.58
N TYR A 140 5.96 -15.44 -13.43
CA TYR A 140 5.04 -14.29 -13.15
C TYR A 140 5.04 -13.38 -14.36
N GLN A 141 5.26 -14.01 -15.51
CA GLN A 141 5.30 -13.31 -16.77
C GLN A 141 3.91 -12.72 -17.02
N ASN A 142 3.90 -11.48 -17.48
CA ASN A 142 2.70 -10.71 -17.68
C ASN A 142 2.00 -10.21 -16.41
N LEU A 143 2.38 -10.66 -15.23
CA LEU A 143 1.70 -10.26 -14.02
C LEU A 143 2.03 -8.80 -13.69
N PHE A 144 3.32 -8.40 -13.89
CA PHE A 144 3.72 -7.05 -13.54
C PHE A 144 3.55 -6.02 -14.64
N TYR A 145 3.26 -4.78 -14.26
CA TYR A 145 3.37 -3.69 -15.18
C TYR A 145 4.83 -3.56 -15.68
N THR A 146 5.08 -3.69 -16.98
CA THR A 146 6.44 -3.55 -17.53
C THR A 146 6.56 -2.36 -18.50
N GLY A 147 5.59 -1.44 -18.49
CA GLY A 147 5.66 -0.24 -19.35
C GLY A 147 6.74 0.78 -18.94
N SER A 148 7.01 1.72 -19.83
CA SER A 148 8.04 2.70 -19.63
C SER A 148 7.39 4.03 -19.28
N ASN A 149 6.10 4.03 -19.02
CA ASN A 149 5.46 5.26 -18.55
C ASN A 149 5.75 5.49 -17.05
N ALA A 150 6.26 6.69 -16.70
CA ALA A 150 6.63 7.10 -15.32
C ALA A 150 5.43 7.44 -14.45
N ASN A 151 4.35 7.81 -15.13
CA ASN A 151 3.10 8.16 -14.51
C ASN A 151 1.95 7.32 -15.16
N PRO A 152 1.97 5.99 -14.95
CA PRO A 152 1.04 5.14 -15.70
C PRO A 152 -0.49 5.46 -15.44
N THR A 153 -1.31 5.26 -16.46
CA THR A 153 -2.74 5.51 -16.33
C THR A 153 -3.36 4.23 -15.87
N LEU A 154 -4.60 4.32 -15.37
CA LEU A 154 -5.36 3.09 -15.07
C LEU A 154 -5.52 2.06 -16.23
N LYS A 155 -5.79 2.55 -17.46
CA LYS A 155 -5.87 1.62 -18.63
C LYS A 155 -4.65 0.74 -18.87
N GLU A 156 -3.49 1.36 -18.75
CA GLU A 156 -2.28 0.63 -19.09
C GLU A 156 -1.73 -0.25 -17.98
N THR A 157 -2.32 -0.16 -16.77
CA THR A 157 -1.90 -0.98 -15.60
C THR A 157 -2.90 -2.02 -15.08
N LYS A 158 -4.16 -1.83 -15.44
CA LYS A 158 -5.23 -2.68 -14.95
C LYS A 158 -4.97 -4.12 -15.42
N GLY A 159 -5.29 -5.12 -14.58
CA GLY A 159 -4.94 -6.49 -14.88
C GLY A 159 -3.56 -6.85 -14.40
N LYS A 160 -2.85 -5.86 -13.83
CA LYS A 160 -1.40 -5.99 -13.56
C LYS A 160 -0.97 -5.45 -12.17
N ILE A 161 0.16 -5.92 -11.70
CA ILE A 161 0.76 -5.34 -10.48
C ILE A 161 1.79 -4.24 -10.85
N VAL A 162 1.61 -3.04 -10.31
CA VAL A 162 2.53 -1.95 -10.49
C VAL A 162 3.45 -1.89 -9.27
N LEU A 163 4.75 -2.11 -9.50
CA LEU A 163 5.78 -2.02 -8.44
C LEU A 163 5.87 -0.61 -7.82
N PHE A 164 5.84 -0.53 -6.49
CA PHE A 164 6.13 0.73 -5.82
C PHE A 164 7.43 0.49 -5.05
N ASN A 165 8.56 1.04 -5.49
CA ASN A 165 9.87 0.44 -5.14
C ASN A 165 10.45 1.07 -3.85
N ARG A 166 10.38 0.35 -2.71
CA ARG A 166 11.05 0.83 -1.46
C ARG A 166 12.29 -0.02 -1.16
N MET A 167 12.91 -0.58 -2.21
CA MET A 167 14.12 -1.37 -2.04
C MET A 167 15.41 -0.60 -2.13
N GLY A 168 15.34 0.69 -2.44
CA GLY A 168 16.58 1.41 -2.77
C GLY A 168 16.74 1.46 -4.31
N GLY A 169 17.95 1.74 -4.78
CA GLY A 169 18.21 1.74 -6.21
C GLY A 169 17.90 0.36 -6.81
N THR A 170 17.36 0.35 -8.03
CA THR A 170 16.99 -0.89 -8.74
C THR A 170 17.36 -0.83 -10.22
N TYR A 171 17.65 -1.99 -10.80
CA TYR A 171 17.78 -2.06 -12.23
C TYR A 171 16.43 -2.33 -12.90
N ILE A 172 15.40 -2.56 -12.09
CA ILE A 172 14.02 -2.59 -12.63
C ILE A 172 13.66 -1.20 -13.21
N LYS A 173 12.95 -1.23 -14.33
CA LYS A 173 12.68 0.01 -15.04
C LYS A 173 11.23 0.49 -15.07
N SER A 174 10.29 -0.20 -14.45
CA SER A 174 8.87 0.25 -14.53
C SER A 174 8.29 0.24 -13.16
N GLY A 175 7.49 1.25 -12.93
CA GLY A 175 6.74 1.41 -11.68
C GLY A 175 7.35 2.61 -10.93
N TYR A 176 6.81 2.94 -9.76
CA TYR A 176 7.24 4.12 -9.03
C TYR A 176 8.61 3.91 -8.35
N GLY A 177 9.54 4.86 -8.52
CA GLY A 177 10.89 4.70 -7.99
C GLY A 177 11.75 3.66 -8.63
N ALA A 178 11.37 3.22 -9.85
CA ALA A 178 12.08 2.17 -10.52
C ALA A 178 13.19 2.84 -11.31
N ASP A 179 14.27 3.21 -10.61
CA ASP A 179 15.48 3.72 -11.27
C ASP A 179 16.55 3.49 -10.25
N THR A 180 17.80 3.83 -10.58
CA THR A 180 18.92 3.43 -9.76
C THR A 180 19.03 4.33 -8.52
N SER A 181 18.15 5.34 -8.37
CA SER A 181 18.07 6.11 -7.14
C SER A 181 17.04 5.57 -6.18
N GLY A 182 15.94 4.98 -6.68
CA GLY A 182 14.93 4.46 -5.74
C GLY A 182 14.19 5.63 -5.09
N ILE A 183 13.64 5.44 -3.89
CA ILE A 183 12.81 6.47 -3.29
C ILE A 183 13.53 6.86 -2.01
N GLN A 184 13.85 8.13 -1.87
CA GLN A 184 14.51 8.56 -0.66
C GLN A 184 13.47 8.71 0.47
N TRP A 185 13.44 7.76 1.38
CA TRP A 185 12.37 7.74 2.37
C TRP A 185 12.87 8.24 3.71
N ALA A 186 12.18 9.23 4.28
CA ALA A 186 12.66 9.79 5.55
C ALA A 186 11.95 9.02 6.67
N ASP A 187 12.68 8.73 7.74
CA ASP A 187 12.19 7.91 8.83
C ASP A 187 11.18 8.64 9.74
N ASN A 188 10.00 8.05 9.96
CA ASN A 188 9.02 8.56 10.94
C ASN A 188 8.67 10.05 10.63
N ALA A 189 8.35 10.39 9.40
CA ALA A 189 8.20 11.80 9.04
C ALA A 189 7.10 12.01 8.02
N THR A 190 6.69 13.27 7.86
CA THR A 190 6.06 13.76 6.65
C THR A 190 7.17 14.31 5.73
N PHE A 191 7.19 13.94 4.46
CA PHE A 191 8.26 14.44 3.56
C PHE A 191 7.82 14.43 2.08
N GLU A 192 8.65 15.05 1.21
CA GLU A 192 8.43 15.10 -0.25
C GLU A 192 9.78 14.83 -0.85
N THR A 193 9.75 14.11 -1.96
CA THR A 193 10.95 13.68 -2.65
C THR A 193 10.47 13.44 -4.07
N LYS A 194 11.31 13.80 -5.03
CA LYS A 194 11.07 13.44 -6.44
C LYS A 194 11.54 12.05 -6.75
N ILE A 195 10.69 11.32 -7.46
CA ILE A 195 10.94 9.93 -7.90
C ILE A 195 10.82 9.88 -9.43
N ASN A 196 11.25 8.74 -10.01
CA ASN A 196 11.26 8.52 -11.45
C ASN A 196 12.00 9.63 -12.22
N ASN A 197 13.29 9.78 -11.95
N ASN A 197 13.31 9.72 -11.97
CA ASN A 197 14.11 10.72 -12.72
CA ASN A 197 14.20 10.74 -12.56
C ASN A 197 13.43 12.11 -12.67
C ASN A 197 13.50 12.11 -12.62
N GLY A 198 12.89 12.45 -11.49
CA GLY A 198 12.24 13.72 -11.32
C GLY A 198 10.88 13.93 -11.95
N SER A 199 10.28 12.91 -12.55
CA SER A 199 8.95 13.05 -13.15
C SER A 199 7.81 13.21 -12.16
N LEU A 200 7.98 12.67 -10.97
CA LEU A 200 6.88 12.72 -10.01
C LEU A 200 7.33 13.34 -8.70
N ASN A 201 6.41 14.00 -8.02
CA ASN A 201 6.66 14.52 -6.68
C ASN A 201 5.92 13.76 -5.61
N LEU A 202 6.67 12.90 -4.91
CA LEU A 202 6.10 12.00 -3.92
C LEU A 202 5.95 12.72 -2.59
N LYS A 203 4.78 12.64 -2.01
CA LYS A 203 4.43 13.31 -0.79
C LYS A 203 3.92 12.28 0.22
N VAL A 204 4.64 12.11 1.34
CA VAL A 204 4.46 10.94 2.22
C VAL A 204 4.25 11.44 3.64
N GLN A 205 3.24 10.88 4.31
CA GLN A 205 3.17 11.01 5.74
C GLN A 205 3.35 9.59 6.32
N ASP A 206 4.53 9.32 6.81
CA ASP A 206 4.83 8.02 7.41
C ASP A 206 5.39 8.18 8.82
N GLU A 207 4.64 8.84 9.68
CA GLU A 207 5.17 9.17 11.02
C GLU A 207 4.72 8.05 11.87
N TYR A 208 5.29 6.88 11.62
CA TYR A 208 4.81 5.64 12.25
C TYR A 208 4.93 5.47 13.79
N LYS A 209 5.75 6.29 14.44
CA LYS A 209 5.86 6.24 15.93
C LYS A 209 5.05 7.33 16.65
N ASP A 210 4.26 8.13 15.93
CA ASP A 210 3.45 9.16 16.58
C ASP A 210 2.52 8.53 17.56
N TYR A 211 2.20 9.28 18.60
CA TYR A 211 1.03 8.96 19.42
C TYR A 211 -0.20 9.33 18.58
N TYR A 212 -1.36 8.75 18.91
CA TYR A 212 -2.51 8.75 17.99
C TYR A 212 -3.02 10.12 17.70
N ASP A 213 -2.97 10.99 18.71
CA ASP A 213 -3.50 12.33 18.54
C ASP A 213 -2.66 13.16 17.55
N LYS A 214 -1.35 13.07 17.68
CA LYS A 214 -0.46 13.68 16.70
C LYS A 214 -0.58 12.98 15.36
N LYS A 215 -0.89 11.67 15.40
CA LYS A 215 -1.08 10.95 14.11
C LYS A 215 -2.23 11.50 13.31
N VAL A 216 -3.38 11.70 13.98
CA VAL A 216 -4.58 12.23 13.30
C VAL A 216 -4.25 13.55 12.66
N GLU A 217 -3.57 14.38 13.44
CA GLU A 217 -3.17 15.67 12.92
C GLU A 217 -2.22 15.55 11.70
N ALA A 218 -1.28 14.61 11.74
CA ALA A 218 -0.39 14.44 10.56
C ALA A 218 -1.15 13.87 9.34
N VAL A 219 -2.09 12.95 9.59
CA VAL A 219 -2.92 12.35 8.51
C VAL A 219 -3.76 13.45 7.86
N LYS A 220 -4.45 14.26 8.71
CA LYS A 220 -5.29 15.43 8.28
C LYS A 220 -4.55 16.50 7.54
N ASN A 221 -3.34 16.81 8.00
CA ASN A 221 -2.54 17.82 7.31
C ASN A 221 -2.29 17.42 5.88
N LEU A 222 -1.87 16.18 5.67
CA LEU A 222 -1.59 15.71 4.30
C LEU A 222 -2.90 15.58 3.50
N LEU A 223 -3.94 15.11 4.18
CA LEU A 223 -5.26 15.01 3.57
C LEU A 223 -5.69 16.35 3.01
N ALA A 224 -5.43 17.44 3.76
CA ALA A 224 -5.87 18.79 3.34
C ALA A 224 -4.98 19.36 2.24
N LYS A 225 -3.75 18.87 2.14
CA LYS A 225 -2.93 19.19 0.96
C LYS A 225 -3.42 18.52 -0.35
N ALA A 226 -3.79 17.23 -0.29
CA ALA A 226 -4.30 16.52 -1.47
C ALA A 226 -5.55 17.23 -2.01
N LYS A 227 -6.44 17.63 -1.10
CA LYS A 227 -7.76 18.17 -1.41
C LYS A 227 -7.73 19.27 -2.47
N THR A 228 -6.69 20.08 -2.45
CA THR A 228 -6.61 21.28 -3.28
C THR A 228 -5.43 21.12 -4.22
N ASP A 229 -5.06 19.88 -4.48
CA ASP A 229 -4.00 19.66 -5.44
C ASP A 229 -4.52 18.84 -6.59
N SER A 230 -4.68 19.48 -7.74
N SER A 230 -4.69 19.49 -7.73
CA SER A 230 -5.06 18.79 -8.97
CA SER A 230 -5.06 18.82 -8.98
C SER A 230 -3.86 18.38 -9.85
C SER A 230 -3.86 18.39 -9.85
N ASN A 231 -2.63 18.49 -9.34
CA ASN A 231 -1.46 18.06 -10.14
C ASN A 231 -1.32 16.52 -10.18
N LYS A 232 -1.43 15.93 -11.39
CA LYS A 232 -1.33 14.48 -11.62
C LYS A 232 0.12 13.97 -11.42
N ASP A 233 1.09 14.87 -11.44
CA ASP A 233 2.49 14.51 -11.21
C ASP A 233 2.87 14.49 -9.72
N ASN A 234 1.90 14.84 -8.88
CA ASN A 234 2.00 14.64 -7.45
C ASN A 234 1.29 13.32 -7.03
N VAL A 235 1.99 12.54 -6.20
CA VAL A 235 1.49 11.27 -5.64
C VAL A 235 1.58 11.34 -4.12
N TYR A 236 0.46 10.99 -3.45
CA TYR A 236 0.27 11.15 -2.02
C TYR A 236 0.19 9.78 -1.40
N VAL A 237 1.05 9.53 -0.43
CA VAL A 237 0.94 8.32 0.34
C VAL A 237 0.79 8.62 1.83
N ASN A 238 -0.38 8.31 2.43
CA ASN A 238 -0.77 8.77 3.76
C ASN A 238 -1.05 7.54 4.60
N PHE A 239 -0.13 7.21 5.48
CA PHE A 239 -0.24 6.05 6.35
C PHE A 239 -1.02 6.41 7.63
N LEU A 240 -2.21 5.86 7.78
CA LEU A 240 -2.98 5.99 9.03
C LEU A 240 -2.29 5.26 10.17
N SER A 241 -1.73 4.09 9.85
CA SER A 241 -1.22 3.13 10.77
C SER A 241 -0.15 3.71 11.71
N VAL A 242 -0.02 3.10 12.87
CA VAL A 242 0.87 3.62 13.91
C VAL A 242 1.47 2.48 14.70
N ALA A 243 2.73 2.59 15.13
CA ALA A 243 3.32 1.53 15.99
C ALA A 243 2.61 1.39 17.33
N SER A 244 2.73 0.21 17.91
CA SER A 244 2.18 -0.09 19.23
C SER A 244 2.81 0.76 20.34
N GLY A 245 1.99 1.08 21.37
CA GLY A 245 2.31 2.02 22.46
C GLY A 245 3.20 1.52 23.62
N GLY A 246 2.99 0.27 24.03
CA GLY A 246 3.83 -0.29 25.10
C GLY A 246 3.24 -1.33 26.05
N SER A 247 1.93 -1.38 26.23
CA SER A 247 1.37 -2.47 27.02
C SER A 247 0.60 -3.43 26.12
N ALA A 248 0.09 -4.51 26.71
CA ALA A 248 -0.95 -5.30 26.08
C ALA A 248 -2.12 -4.38 25.81
N PHE A 249 -2.90 -4.67 24.76
CA PHE A 249 -4.11 -3.89 24.47
C PHE A 249 -3.83 -2.34 24.32
N ASN A 250 -2.54 -2.00 24.21
CA ASN A 250 -2.02 -0.76 23.61
C ASN A 250 -1.68 -1.05 22.11
N SER A 251 -2.48 -1.92 21.53
CA SER A 251 -2.21 -2.58 20.24
C SER A 251 -2.37 -1.63 19.06
N THR A 252 -1.82 -2.05 17.94
CA THR A 252 -2.03 -1.31 16.69
C THR A 252 -3.56 -1.28 16.37
N TYR A 253 -4.23 -2.43 16.54
CA TYR A 253 -5.69 -2.51 16.47
C TYR A 253 -6.36 -1.40 17.27
N TYR A 254 -6.06 -1.39 18.57
CA TYR A 254 -6.56 -0.36 19.47
C TYR A 254 -6.53 1.06 18.86
N TYR A 255 -5.35 1.51 18.41
CA TYR A 255 -5.21 2.82 17.76
C TYR A 255 -5.99 2.97 16.45
N ALA A 256 -5.89 1.95 15.59
CA ALA A 256 -6.65 1.92 14.34
C ALA A 256 -8.16 2.08 14.61
N SER A 257 -8.62 1.58 15.75
CA SER A 257 -10.06 1.60 16.04
C SER A 257 -10.53 3.03 16.35
N TYR A 258 -9.57 3.93 16.55
CA TYR A 258 -9.83 5.33 16.78
C TYR A 258 -9.44 6.12 15.55
N ILE A 259 -8.25 5.84 15.01
CA ILE A 259 -7.82 6.57 13.82
C ILE A 259 -8.75 6.42 12.57
N ASN A 260 -9.03 5.18 12.18
CA ASN A 260 -9.85 4.90 10.99
C ASN A 260 -11.21 5.64 10.95
N PRO A 261 -12.08 5.42 11.98
CA PRO A 261 -13.38 6.13 12.01
C PRO A 261 -13.18 7.62 11.99
N GLU A 262 -12.17 8.11 12.69
CA GLU A 262 -11.90 9.53 12.70
C GLU A 262 -11.56 10.08 11.33
N ILE A 263 -10.65 9.41 10.63
CA ILE A 263 -10.27 9.89 9.29
C ILE A 263 -11.41 9.65 8.28
N ALA A 264 -12.10 8.51 8.41
CA ALA A 264 -13.22 8.16 7.53
C ALA A 264 -14.33 9.29 7.58
N LYS A 265 -14.67 9.72 8.80
CA LYS A 265 -15.54 10.85 9.07
C LYS A 265 -15.13 12.09 8.29
N THR A 266 -13.84 12.41 8.32
CA THR A 266 -13.34 13.63 7.69
C THR A 266 -13.45 13.59 6.18
N ILE A 267 -13.11 12.43 5.62
CA ILE A 267 -13.15 12.28 4.18
C ILE A 267 -14.59 12.39 3.70
N LYS A 268 -15.51 11.83 4.45
CA LYS A 268 -16.94 11.84 4.10
C LYS A 268 -17.52 13.27 4.12
N ALA A 269 -17.09 14.08 5.10
CA ALA A 269 -17.54 15.46 5.22
C ALA A 269 -16.98 16.29 4.10
N ASN A 270 -15.86 15.84 3.54
CA ASN A 270 -15.25 16.50 2.37
C ASN A 270 -15.83 16.19 1.01
N GLY A 271 -16.73 15.23 0.94
CA GLY A 271 -17.31 14.83 -0.32
C GLY A 271 -16.25 14.29 -1.24
N LYS A 272 -16.29 14.70 -2.50
CA LYS A 272 -15.50 14.07 -3.56
C LYS A 272 -14.17 14.79 -3.80
N ALA A 273 -13.38 14.91 -2.75
CA ALA A 273 -12.10 15.59 -2.87
C ALA A 273 -10.96 14.59 -3.14
N ARG A 274 -9.84 15.05 -3.69
CA ARG A 274 -8.66 14.20 -3.89
C ARG A 274 -8.10 13.78 -2.50
N THR A 275 -7.90 12.48 -2.22
CA THR A 275 -7.34 12.10 -0.90
C THR A 275 -5.91 11.60 -0.97
N GLY A 276 -5.52 11.07 -2.12
CA GLY A 276 -4.27 10.33 -2.21
C GLY A 276 -4.39 8.85 -1.86
N TRP A 277 -3.25 8.18 -1.68
CA TRP A 277 -3.27 6.74 -1.34
C TRP A 277 -3.17 6.66 0.15
N LEU A 278 -4.22 6.14 0.80
CA LEU A 278 -4.23 6.01 2.27
C LEU A 278 -4.11 4.56 2.70
N ILE A 279 -3.11 4.32 3.55
CA ILE A 279 -2.62 2.95 3.85
C ILE A 279 -3.00 2.74 5.29
N VAL A 280 -3.81 1.71 5.54
CA VAL A 280 -4.41 1.57 6.84
C VAL A 280 -4.13 0.22 7.50
N ASP A 281 -4.23 0.21 8.83
CA ASP A 281 -4.27 -1.07 9.56
C ASP A 281 -5.72 -1.58 9.63
N TYR A 282 -5.82 -2.90 9.70
CA TYR A 282 -7.12 -3.58 9.80
C TYR A 282 -8.06 -3.05 8.75
N ALA A 283 -7.63 -3.07 7.47
CA ALA A 283 -8.50 -2.66 6.38
C ALA A 283 -9.80 -3.49 6.44
N GLY A 284 -10.94 -2.85 6.30
CA GLY A 284 -12.23 -3.62 6.22
C GLY A 284 -12.73 -4.07 7.59
N TYR A 285 -12.10 -3.59 8.65
CA TYR A 285 -12.59 -3.87 9.98
C TYR A 285 -13.64 -2.81 10.33
N THR A 286 -14.87 -3.26 10.60
CA THR A 286 -15.98 -2.35 10.88
C THR A 286 -16.34 -2.30 12.37
N TRP A 287 -16.74 -1.11 12.81
CA TRP A 287 -17.30 -0.94 14.15
C TRP A 287 -18.70 -0.35 14.07
N PRO A 288 -19.66 -1.01 14.72
CA PRO A 288 -21.05 -0.50 14.64
C PRO A 288 -21.13 0.98 15.04
N GLY A 289 -21.61 1.84 14.14
CA GLY A 289 -21.80 3.24 14.47
C GLY A 289 -20.69 4.16 13.99
N TYR A 290 -19.66 3.60 13.36
CA TYR A 290 -18.54 4.40 12.83
C TYR A 290 -18.35 4.29 11.33
N ASP A 291 -18.10 5.40 10.68
CA ASP A 291 -17.66 5.38 9.30
C ASP A 291 -16.54 4.35 8.99
N ASP A 292 -16.57 3.76 7.79
CA ASP A 292 -15.54 2.78 7.42
C ASP A 292 -14.50 3.42 6.52
N ILE A 293 -13.23 3.40 6.97
CA ILE A 293 -12.18 4.06 6.19
C ILE A 293 -12.06 3.60 4.71
N VAL A 294 -12.02 2.29 4.46
CA VAL A 294 -11.85 1.78 3.11
C VAL A 294 -13.03 2.33 2.25
N SER A 295 -14.28 2.14 2.71
CA SER A 295 -15.45 2.61 1.99
C SER A 295 -15.39 4.07 1.70
N GLU A 296 -14.88 4.84 2.64
CA GLU A 296 -14.92 6.29 2.43
C GLU A 296 -13.88 6.77 1.41
N ILE A 297 -12.68 6.19 1.50
CA ILE A 297 -11.67 6.38 0.44
C ILE A 297 -12.27 6.05 -0.94
N ILE A 298 -12.84 4.85 -1.09
CA ILE A 298 -13.47 4.39 -2.35
C ILE A 298 -14.47 5.44 -2.85
N ASP A 299 -15.40 5.86 -2.00
CA ASP A 299 -16.44 6.81 -2.40
C ASP A 299 -15.98 8.23 -2.61
N SER A 300 -14.76 8.57 -2.18
CA SER A 300 -14.25 9.93 -2.36
C SER A 300 -13.89 10.18 -3.84
N ASN A 301 -13.72 9.11 -4.63
CA ASN A 301 -13.43 9.22 -6.10
C ASN A 301 -14.64 9.73 -6.91
N LYS A 302 -14.41 10.67 -7.82
CA LYS A 302 -15.47 11.20 -8.70
C LYS A 302 -15.75 10.29 -9.88
N LEU A 303 -16.95 10.38 -10.47
CA LEU A 303 -17.29 9.48 -11.56
C LEU A 303 -17.68 10.12 -12.91
N GLU A 304 -16.75 10.85 -13.53
CA GLU A 304 -17.03 11.46 -14.84
C GLU A 304 -16.03 11.12 -15.93
CL CL B . 2.18 -16.01 15.05
C ACT C . 12.53 2.82 2.57
O ACT C . 11.81 2.98 1.55
OXT ACT C . 12.01 2.68 3.67
CH3 ACT C . 14.04 2.77 2.53
#